data_3UUE
#
_entry.id   3UUE
#
_cell.length_a   39.807
_cell.length_b   88.744
_cell.length_c   45.132
_cell.angle_alpha   90.00
_cell.angle_beta   106.04
_cell.angle_gamma   90.00
#
_symmetry.space_group_name_H-M   'P 1 21 1'
#
loop_
_entity.id
_entity.type
_entity.pdbx_description
1 polymer 'LIP1, secretory lipase (Family 3)'
2 branched alpha-D-mannopyranose-(1-3)-alpha-D-mannopyranose-(1-6)-beta-D-mannopyranose-(1-4)-2-acetamido-2-deoxy-beta-D-glucopyranose-(1-4)-2-acetamido-2-deoxy-beta-D-glucopyranose
3 non-polymer alpha-D-mannopyranose
4 non-polymer 'CHLORIDE ION'
5 non-polymer GLYCEROL
6 water water
#
_entity_poly.entity_id   1
_entity_poly.type   'polypeptide(L)'
_entity_poly.pdbx_seq_one_letter_code
;GRGGSSTDQPVANPYNTKEISLAAGLVQQTYCDSTENGLKIGDSELLYTMGEGYARQRVNIYHSPSLGIAVAIEGTNLFS
LNSDLHDAKFWQEDPNERYIQYYPKGTKLMHGFQQAYNDLMDDIFTAVKKYKKEKNEKRVTVIGHSLGAAMGLLCAMDIE
LRMDGGLYKTYLFGLPRLGNPTFASFVDQKIGDKFHSIINGRDWVPTVPPRALGYQHPSDYVWIYPGNSTSAKLYPGQEN
VHGILTVAREFNFDDHQGIYFHTQIGAVMGECPAQVGAH
;
_entity_poly.pdbx_strand_id   A
#
loop_
_chem_comp.id
_chem_comp.type
_chem_comp.name
_chem_comp.formula
BMA D-saccharide, beta linking beta-D-mannopyranose 'C6 H12 O6'
CL non-polymer 'CHLORIDE ION' 'Cl -1'
GOL non-polymer GLYCEROL 'C3 H8 O3'
MAN D-saccharide, alpha linking alpha-D-mannopyranose 'C6 H12 O6'
NAG D-saccharide, beta linking 2-acetamido-2-deoxy-beta-D-glucopyranose 'C8 H15 N O6'
#
# COMPACT_ATOMS: atom_id res chain seq x y z
N GLY A 1 9.16 8.93 -20.29
CA GLY A 1 8.91 10.28 -19.68
C GLY A 1 7.61 10.24 -18.92
N ARG A 2 7.12 11.41 -18.47
CA ARG A 2 5.85 11.47 -17.73
C ARG A 2 4.77 10.78 -18.55
N GLY A 3 4.01 9.90 -17.92
CA GLY A 3 2.88 9.23 -18.57
C GLY A 3 3.19 8.07 -19.50
N GLY A 4 4.46 7.66 -19.50
CA GLY A 4 4.84 6.57 -20.43
C GLY A 4 4.47 5.17 -19.98
N SER A 5 4.86 4.18 -20.80
CA SER A 5 4.60 2.79 -20.50
C SER A 5 5.87 2.04 -20.77
N SER A 6 6.48 1.46 -19.73
CA SER A 6 7.74 0.75 -19.95
C SER A 6 7.58 -0.49 -20.84
N THR A 7 8.57 -0.72 -21.69
CA THR A 7 8.63 -1.94 -22.50
C THR A 7 9.66 -2.93 -22.09
N ASP A 8 10.37 -2.64 -21.00
N ASP A 8 10.40 -2.63 -21.02
CA ASP A 8 11.43 -3.55 -20.61
CA ASP A 8 11.50 -3.53 -20.62
C ASP A 8 10.92 -4.90 -20.17
C ASP A 8 11.00 -4.88 -20.11
N GLN A 9 11.70 -5.96 -20.45
CA GLN A 9 11.30 -7.29 -19.99
C GLN A 9 11.40 -7.37 -18.45
N PRO A 10 10.57 -8.26 -17.89
CA PRO A 10 10.68 -8.55 -16.46
C PRO A 10 11.98 -9.25 -16.10
N VAL A 11 12.32 -9.11 -14.83
CA VAL A 11 13.54 -9.70 -14.27
C VAL A 11 13.16 -10.46 -13.02
N ALA A 12 14.10 -11.23 -12.48
CA ALA A 12 13.80 -12.03 -11.27
C ALA A 12 13.42 -11.10 -10.13
N ASN A 13 12.61 -11.65 -9.25
CA ASN A 13 12.15 -10.81 -8.12
C ASN A 13 13.36 -10.51 -7.19
N PRO A 14 13.75 -9.23 -7.03
CA PRO A 14 14.89 -8.88 -6.13
C PRO A 14 14.51 -8.50 -4.72
N TYR A 15 13.19 -8.53 -4.42
CA TYR A 15 12.78 -8.04 -3.12
C TYR A 15 12.92 -9.10 -2.03
N ASN A 16 12.99 -8.63 -0.80
CA ASN A 16 13.17 -9.53 0.36
C ASN A 16 11.87 -10.26 0.70
N THR A 17 11.77 -11.54 0.39
CA THR A 17 10.48 -12.20 0.51
C THR A 17 10.11 -12.48 1.97
N LYS A 18 11.10 -12.51 2.86
CA LYS A 18 10.82 -12.57 4.30
C LYS A 18 10.17 -11.28 4.74
N GLU A 19 10.71 -10.15 4.32
CA GLU A 19 10.11 -8.85 4.64
C GLU A 19 8.71 -8.76 4.05
N ILE A 20 8.52 -9.21 2.81
CA ILE A 20 7.18 -9.16 2.25
C ILE A 20 6.19 -9.99 3.02
N SER A 21 6.63 -11.20 3.36
CA SER A 21 5.77 -12.13 4.08
C SER A 21 5.34 -11.56 5.46
N LEU A 22 6.30 -10.95 6.16
CA LEU A 22 6.02 -10.28 7.44
C LEU A 22 5.06 -9.11 7.20
N ALA A 23 5.36 -8.27 6.23
CA ALA A 23 4.52 -7.10 5.99
C ALA A 23 3.07 -7.53 5.70
N ALA A 24 2.91 -8.63 4.95
CA ALA A 24 1.55 -9.15 4.64
C ALA A 24 0.80 -9.50 5.93
N GLY A 25 1.52 -10.07 6.90
CA GLY A 25 0.86 -10.38 8.24
C GLY A 25 0.58 -9.11 9.03
N LEU A 26 1.49 -8.12 8.98
CA LEU A 26 1.26 -6.89 9.70
C LEU A 26 0.03 -6.15 9.19
N VAL A 27 -0.24 -6.25 7.87
CA VAL A 27 -1.44 -5.61 7.35
C VAL A 27 -2.68 -6.51 7.48
N GLN A 28 -2.54 -7.83 7.33
CA GLN A 28 -3.70 -8.69 7.57
C GLN A 28 -4.27 -8.40 8.98
N GLN A 29 -3.38 -8.19 9.96
CA GLN A 29 -3.85 -7.99 11.33
C GLN A 29 -4.72 -6.74 11.47
N THR A 30 -4.59 -5.78 10.54
CA THR A 30 -5.46 -4.61 10.57
C THR A 30 -6.91 -4.92 10.22
N TYR A 31 -7.20 -6.09 9.66
CA TYR A 31 -8.58 -6.52 9.47
C TYR A 31 -9.17 -7.20 10.71
N CYS A 32 -8.44 -7.18 11.83
CA CYS A 32 -8.80 -7.96 13.02
C CYS A 32 -8.82 -7.02 14.24
N ASP A 33 -9.64 -7.38 15.24
CA ASP A 33 -9.55 -6.71 16.53
C ASP A 33 -8.08 -6.77 16.98
N SER A 34 -7.50 -5.59 17.24
CA SER A 34 -6.08 -5.52 17.58
C SER A 34 -5.85 -4.92 18.98
N THR A 35 -6.80 -5.19 19.87
CA THR A 35 -6.76 -4.56 21.21
C THR A 35 -6.04 -5.39 22.26
N GLU A 36 -5.63 -6.61 21.92
CA GLU A 36 -4.89 -7.48 22.86
C GLU A 36 -3.59 -6.81 23.33
N ASN A 37 -3.41 -6.86 24.66
CA ASN A 37 -2.11 -6.82 25.40
C ASN A 37 -1.00 -7.65 24.78
N GLY A 38 0.04 -6.95 24.33
CA GLY A 38 1.32 -7.56 23.95
C GLY A 38 1.25 -8.38 22.68
N LEU A 39 0.35 -8.06 21.76
CA LEU A 39 0.27 -8.93 20.57
C LEU A 39 1.54 -8.91 19.72
N LYS A 40 1.92 -10.07 19.24
CA LYS A 40 3.11 -10.26 18.42
C LYS A 40 2.67 -10.86 17.08
N ILE A 41 3.21 -10.30 15.99
CA ILE A 41 2.98 -10.81 14.63
C ILE A 41 4.34 -10.93 14.00
N GLY A 42 4.74 -12.16 13.64
CA GLY A 42 6.10 -12.35 13.15
C GLY A 42 7.14 -11.82 14.17
N ASP A 43 8.11 -11.06 13.66
CA ASP A 43 9.15 -10.46 14.52
C ASP A 43 8.73 -9.20 15.24
N SER A 44 7.46 -8.82 15.11
CA SER A 44 6.96 -7.49 15.48
C SER A 44 6.07 -7.49 16.71
N GLU A 45 6.18 -6.46 17.56
CA GLU A 45 5.27 -6.24 18.67
C GLU A 45 4.31 -5.09 18.32
N LEU A 46 3.03 -5.31 18.52
CA LEU A 46 2.06 -4.24 18.35
C LEU A 46 2.17 -3.23 19.46
N LEU A 47 2.32 -1.96 19.10
CA LEU A 47 2.44 -0.86 20.08
C LEU A 47 1.17 -0.07 20.24
N TYR A 48 0.31 -0.05 19.22
CA TYR A 48 -0.73 0.96 19.12
C TYR A 48 -1.71 0.52 18.03
N THR A 49 -2.97 0.78 18.26
CA THR A 49 -4.01 0.57 17.24
C THR A 49 -5.05 1.69 17.35
N MET A 50 -5.65 2.07 16.24
CA MET A 50 -6.76 3.00 16.23
C MET A 50 -7.72 2.68 15.08
N GLY A 51 -9.01 2.89 15.32
CA GLY A 51 -9.99 2.68 14.27
C GLY A 51 -10.38 1.26 14.14
N GLU A 52 -11.53 1.02 13.52
CA GLU A 52 -12.11 -0.33 13.46
C GLU A 52 -12.57 -0.79 12.08
N GLY A 53 -12.37 0.03 11.06
CA GLY A 53 -12.73 -0.37 9.70
C GLY A 53 -14.22 -0.23 9.41
N TYR A 54 -14.92 0.57 10.20
CA TYR A 54 -16.31 0.93 9.88
CA TYR A 54 -16.28 0.86 9.80
C TYR A 54 -16.39 2.33 9.31
N ALA A 55 -15.91 3.31 10.07
CA ALA A 55 -15.84 4.73 9.70
C ALA A 55 -14.48 5.14 9.10
N ARG A 56 -13.42 4.51 9.58
CA ARG A 56 -12.06 4.84 9.12
C ARG A 56 -11.34 3.49 9.09
N GLN A 57 -10.30 3.38 8.26
CA GLN A 57 -9.46 2.17 8.25
C GLN A 57 -8.73 1.99 9.60
N ARG A 58 -8.68 0.75 10.09
CA ARG A 58 -7.85 0.50 11.26
C ARG A 58 -6.41 0.69 10.89
N VAL A 59 -5.66 1.32 11.82
CA VAL A 59 -4.22 1.51 11.69
C VAL A 59 -3.53 0.86 12.85
N ASN A 60 -2.55 -0.01 12.55
CA ASN A 60 -1.76 -0.67 13.61
C ASN A 60 -0.32 -0.19 13.46
N ILE A 61 0.32 0.10 14.58
CA ILE A 61 1.74 0.50 14.61
C ILE A 61 2.48 -0.49 15.44
N TYR A 62 3.54 -1.02 14.87
CA TYR A 62 4.37 -2.06 15.49
C TYR A 62 5.82 -1.60 15.63
N HIS A 63 6.60 -2.28 16.48
CA HIS A 63 8.04 -2.20 16.34
C HIS A 63 8.56 -3.53 15.90
N SER A 64 9.46 -3.48 14.90
CA SER A 64 10.05 -4.67 14.33
C SER A 64 11.55 -4.50 14.20
N PRO A 65 12.31 -5.56 14.51
CA PRO A 65 13.76 -5.40 14.30
C PRO A 65 14.14 -5.28 12.84
N SER A 66 13.30 -5.86 11.93
CA SER A 66 13.65 -5.80 10.52
C SER A 66 13.03 -4.57 9.82
N LEU A 67 11.85 -4.12 10.28
CA LEU A 67 11.16 -3.02 9.56
C LEU A 67 11.07 -1.73 10.37
N GLY A 68 11.56 -1.72 11.63
CA GLY A 68 11.47 -0.45 12.38
C GLY A 68 10.09 -0.21 12.96
N ILE A 69 9.68 1.04 12.93
CA ILE A 69 8.33 1.38 13.32
C ILE A 69 7.50 1.17 12.06
N ALA A 70 6.66 0.12 12.11
CA ALA A 70 5.85 -0.27 10.94
C ALA A 70 4.43 0.20 11.15
N VAL A 71 3.91 0.98 10.21
CA VAL A 71 2.53 1.52 10.22
C VAL A 71 1.79 0.75 9.16
N ALA A 72 0.71 0.04 9.53
CA ALA A 72 -0.05 -0.77 8.59
C ALA A 72 -1.47 -0.20 8.54
N ILE A 73 -2.01 -0.04 7.32
CA ILE A 73 -3.32 0.56 7.13
C ILE A 73 -4.23 -0.46 6.46
N GLU A 74 -5.37 -0.72 7.12
CA GLU A 74 -6.44 -1.62 6.59
C GLU A 74 -6.97 -1.09 5.24
N GLY A 75 -7.60 -1.98 4.48
CA GLY A 75 -8.21 -1.62 3.20
C GLY A 75 -9.58 -2.17 3.01
N THR A 76 -10.40 -2.13 4.04
CA THR A 76 -11.74 -2.66 3.82
C THR A 76 -12.55 -1.68 2.91
N ASN A 77 -13.72 -2.15 2.44
CA ASN A 77 -14.42 -1.44 1.36
C ASN A 77 -15.28 -0.29 1.89
N LEU A 78 -14.64 0.71 2.45
CA LEU A 78 -15.39 1.90 2.91
C LEU A 78 -16.13 2.52 1.71
N PHE A 79 -15.56 2.46 0.49
CA PHE A 79 -16.36 2.62 -0.75
C PHE A 79 -15.91 1.54 -1.68
N SER A 80 -16.67 1.31 -2.75
CA SER A 80 -16.36 0.20 -3.65
CA SER A 80 -16.33 0.20 -3.64
C SER A 80 -15.53 0.67 -4.81
N LEU A 81 -14.45 -0.05 -5.10
CA LEU A 81 -13.65 0.30 -6.25
C LEU A 81 -14.21 -0.17 -7.60
N ASN A 82 -15.25 -1.01 -7.56
CA ASN A 82 -15.89 -1.43 -8.82
C ASN A 82 -17.15 -0.64 -9.20
N SER A 83 -17.32 0.48 -8.57
CA SER A 83 -18.46 1.37 -8.75
CA SER A 83 -18.51 1.31 -8.80
C SER A 83 -18.33 2.36 -9.91
N ASP A 84 -19.38 3.09 -10.20
CA ASP A 84 -19.42 4.09 -11.28
C ASP A 84 -18.29 5.09 -11.15
N LEU A 85 -17.40 5.03 -12.12
CA LEU A 85 -16.22 5.93 -12.08
C LEU A 85 -16.53 7.40 -12.18
N HIS A 86 -17.76 7.80 -12.57
CA HIS A 86 -18.09 9.22 -12.56
C HIS A 86 -18.30 9.80 -11.21
N ASP A 87 -18.46 8.91 -10.20
CA ASP A 87 -18.74 9.43 -8.86
C ASP A 87 -17.56 10.19 -8.28
N ALA A 88 -17.86 11.12 -7.40
CA ALA A 88 -16.89 11.98 -6.76
C ALA A 88 -15.71 11.29 -6.06
N LYS A 89 -15.91 10.06 -5.57
CA LYS A 89 -14.79 9.35 -4.91
C LYS A 89 -13.62 9.20 -5.87
N PHE A 90 -13.87 9.12 -7.19
CA PHE A 90 -12.79 8.90 -8.12
C PHE A 90 -12.21 10.15 -8.73
N TRP A 91 -12.73 11.33 -8.39
CA TRP A 91 -12.21 12.55 -9.02
C TRP A 91 -10.81 12.90 -8.58
N GLN A 92 -10.07 13.48 -9.51
CA GLN A 92 -8.73 13.99 -9.18
C GLN A 92 -8.81 15.34 -8.51
N GLU A 93 -7.90 15.61 -7.58
CA GLU A 93 -7.93 16.90 -6.87
C GLU A 93 -6.51 17.24 -6.45
N ASP A 94 -6.32 18.49 -6.04
CA ASP A 94 -4.97 18.94 -5.58
C ASP A 94 -4.62 18.22 -4.26
N PRO A 95 -3.34 18.14 -3.96
CA PRO A 95 -2.94 17.67 -2.59
C PRO A 95 -3.56 18.55 -1.49
N ASN A 96 -3.92 17.86 -0.40
CA ASN A 96 -4.36 18.54 0.80
C ASN A 96 -3.34 19.58 1.25
N GLU A 97 -3.90 20.59 1.92
CA GLU A 97 -3.06 21.68 2.44
C GLU A 97 -1.90 21.22 3.29
N ARG A 98 -2.07 20.12 4.04
CA ARG A 98 -0.99 19.67 4.95
C ARG A 98 0.34 19.39 4.26
N TYR A 99 0.26 18.99 2.98
CA TYR A 99 1.49 18.63 2.28
C TYR A 99 1.59 19.19 0.85
N ILE A 100 0.59 19.97 0.36
CA ILE A 100 0.68 20.50 -0.98
C ILE A 100 2.01 21.22 -1.30
N GLN A 101 2.57 21.91 -0.31
CA GLN A 101 3.78 22.67 -0.52
C GLN A 101 5.03 21.86 -0.83
N TYR A 102 4.92 20.55 -0.56
CA TYR A 102 6.01 19.60 -0.84
C TYR A 102 5.94 19.02 -2.27
N TYR A 103 4.83 19.14 -2.95
CA TYR A 103 4.65 18.45 -4.23
C TYR A 103 4.87 19.38 -5.41
N PRO A 104 5.27 18.82 -6.56
CA PRO A 104 5.31 19.62 -7.79
C PRO A 104 3.94 20.21 -8.09
N LYS A 105 3.92 21.42 -8.64
CA LYS A 105 2.66 22.00 -9.13
C LYS A 105 2.06 21.09 -10.21
N GLY A 106 0.74 20.96 -10.17
CA GLY A 106 0.03 20.07 -11.13
C GLY A 106 -0.10 18.63 -10.63
N THR A 107 0.39 18.33 -9.43
CA THR A 107 0.10 16.99 -8.81
C THR A 107 -1.37 16.84 -8.50
N LYS A 108 -1.91 15.68 -8.85
CA LYS A 108 -3.33 15.34 -8.53
C LYS A 108 -3.38 13.97 -7.90
N LEU A 109 -4.36 13.86 -7.01
CA LEU A 109 -4.60 12.61 -6.25
C LEU A 109 -6.08 12.29 -6.24
N MET A 110 -6.41 11.00 -6.12
CA MET A 110 -7.81 10.58 -6.07
C MET A 110 -8.49 10.95 -4.77
N HIS A 111 -9.66 11.62 -4.89
CA HIS A 111 -10.34 12.11 -3.72
C HIS A 111 -10.60 11.05 -2.69
N GLY A 112 -11.16 9.90 -3.07
CA GLY A 112 -11.55 8.92 -2.02
C GLY A 112 -10.39 8.47 -1.16
N PHE A 113 -9.22 8.31 -1.78
CA PHE A 113 -8.07 7.83 -1.05
C PHE A 113 -7.44 8.95 -0.26
N GLN A 114 -7.38 10.15 -0.84
CA GLN A 114 -6.79 11.28 -0.12
C GLN A 114 -7.63 11.66 1.09
N GLN A 115 -8.94 11.77 0.94
CA GLN A 115 -9.77 12.11 2.09
C GLN A 115 -9.62 11.08 3.20
N ALA A 116 -9.58 9.79 2.85
CA ALA A 116 -9.46 8.79 3.92
C ALA A 116 -8.11 8.91 4.62
N TYR A 117 -7.02 9.16 3.89
CA TYR A 117 -5.75 9.43 4.54
C TYR A 117 -5.77 10.70 5.39
N ASN A 118 -6.40 11.76 4.90
CA ASN A 118 -6.41 13.03 5.65
C ASN A 118 -7.15 12.88 7.00
N ASP A 119 -8.09 11.97 7.09
CA ASP A 119 -8.80 11.66 8.37
C ASP A 119 -7.85 11.10 9.39
N LEU A 120 -6.76 10.45 8.95
CA LEU A 120 -5.85 9.67 9.80
C LEU A 120 -4.49 10.33 9.97
N MET A 121 -4.11 11.25 9.07
CA MET A 121 -2.68 11.59 8.94
C MET A 121 -2.05 12.21 10.16
N ASP A 122 -2.76 13.08 10.85
CA ASP A 122 -2.08 13.77 11.96
C ASP A 122 -1.98 12.80 13.15
N ASP A 123 -2.98 11.92 13.32
CA ASP A 123 -2.85 10.92 14.38
C ASP A 123 -1.73 9.94 14.06
N ILE A 124 -1.61 9.56 12.76
CA ILE A 124 -0.48 8.69 12.37
C ILE A 124 0.87 9.37 12.65
N PHE A 125 1.04 10.61 12.25
CA PHE A 125 2.32 11.31 12.45
C PHE A 125 2.61 11.43 13.95
N THR A 126 1.60 11.76 14.75
CA THR A 126 1.86 11.85 16.21
C THR A 126 2.29 10.48 16.81
N ALA A 127 1.59 9.43 16.41
CA ALA A 127 1.92 8.11 16.95
C ALA A 127 3.26 7.62 16.44
N VAL A 128 3.59 7.81 15.18
CA VAL A 128 4.90 7.39 14.68
C VAL A 128 6.01 8.16 15.40
N LYS A 129 5.91 9.48 15.51
CA LYS A 129 6.97 10.25 16.23
C LYS A 129 7.10 9.73 17.68
N LYS A 130 5.98 9.44 18.34
CA LYS A 130 5.98 8.92 19.73
CA LYS A 130 6.02 8.95 19.73
C LYS A 130 6.78 7.66 19.83
N TYR A 131 6.48 6.70 18.93
CA TYR A 131 7.10 5.37 19.03
C TYR A 131 8.50 5.31 18.48
N LYS A 132 8.83 6.14 17.49
CA LYS A 132 10.22 6.27 17.05
C LYS A 132 11.05 6.70 18.29
N LYS A 133 10.53 7.67 19.05
CA LYS A 133 11.33 8.16 20.20
C LYS A 133 11.43 7.07 21.29
N GLU A 134 10.33 6.40 21.59
CA GLU A 134 10.36 5.37 22.63
C GLU A 134 11.32 4.30 22.26
N LYS A 135 11.43 3.96 20.97
CA LYS A 135 12.20 2.78 20.58
C LYS A 135 13.60 3.11 20.01
N ASN A 136 13.97 4.39 20.11
CA ASN A 136 15.23 4.87 19.52
C ASN A 136 15.36 4.39 18.07
N GLU A 137 14.27 4.53 17.32
CA GLU A 137 14.16 3.84 16.05
C GLU A 137 14.06 4.87 14.92
N LYS A 138 15.03 4.84 14.01
CA LYS A 138 15.06 5.78 12.88
C LYS A 138 14.20 5.34 11.69
N ARG A 139 13.98 4.03 11.58
CA ARG A 139 13.35 3.46 10.36
C ARG A 139 11.84 3.40 10.53
N VAL A 140 11.13 3.88 9.51
CA VAL A 140 9.66 3.86 9.44
C VAL A 140 9.23 3.09 8.16
N THR A 141 8.43 2.04 8.31
CA THR A 141 7.96 1.30 7.16
C THR A 141 6.46 1.48 7.11
N VAL A 142 5.94 1.76 5.93
CA VAL A 142 4.46 1.93 5.75
C VAL A 142 3.94 0.77 4.91
N ILE A 143 2.87 0.17 5.37
CA ILE A 143 2.33 -1.03 4.75
C ILE A 143 0.84 -0.82 4.53
N GLY A 144 0.32 -1.27 3.39
CA GLY A 144 -1.14 -1.21 3.19
C GLY A 144 -1.58 -2.28 2.21
N HIS A 145 -2.90 -2.59 2.24
CA HIS A 145 -3.49 -3.56 1.28
C HIS A 145 -4.77 -2.95 0.77
N SER A 146 -5.04 -3.16 -0.51
CA SER A 146 -6.32 -2.73 -1.16
C SER A 146 -6.49 -1.19 -1.01
N LEU A 147 -7.64 -0.71 -0.51
CA LEU A 147 -7.80 0.75 -0.38
C LEU A 147 -6.69 1.30 0.53
N GLY A 148 -6.26 0.52 1.51
CA GLY A 148 -5.17 0.92 2.41
C GLY A 148 -3.81 0.95 1.73
N ALA A 149 -3.65 0.23 0.61
CA ALA A 149 -2.41 0.35 -0.14
C ALA A 149 -2.32 1.70 -0.82
N ALA A 150 -3.44 2.21 -1.38
CA ALA A 150 -3.34 3.57 -1.98
C ALA A 150 -3.19 4.61 -0.87
N MET A 151 -3.93 4.47 0.23
CA MET A 151 -3.68 5.34 1.40
C MET A 151 -2.24 5.20 1.87
N GLY A 152 -1.70 3.96 1.89
CA GLY A 152 -0.33 3.70 2.35
C GLY A 152 0.71 4.37 1.44
N LEU A 153 0.49 4.41 0.13
CA LEU A 153 1.40 5.09 -0.75
C LEU A 153 1.40 6.57 -0.43
N LEU A 154 0.23 7.15 -0.19
CA LEU A 154 0.18 8.59 0.14
C LEU A 154 0.89 8.82 1.48
N CYS A 155 0.69 7.93 2.46
CA CYS A 155 1.32 8.07 3.77
C CYS A 155 2.86 7.90 3.68
N ALA A 156 3.31 6.91 2.89
CA ALA A 156 4.75 6.70 2.68
C ALA A 156 5.43 7.94 2.07
N MET A 157 4.76 8.57 1.09
CA MET A 157 5.28 9.84 0.56
C MET A 157 5.26 10.93 1.63
N ASP A 158 4.19 11.01 2.42
CA ASP A 158 4.08 12.04 3.43
C ASP A 158 5.19 11.91 4.45
N ILE A 159 5.48 10.68 4.86
CA ILE A 159 6.58 10.45 5.81
C ILE A 159 7.90 10.82 5.16
N GLU A 160 8.14 10.42 3.92
CA GLU A 160 9.43 10.79 3.29
C GLU A 160 9.57 12.32 3.20
N LEU A 161 8.48 13.01 2.87
CA LEU A 161 8.58 14.46 2.63
C LEU A 161 8.63 15.26 3.90
N ARG A 162 7.88 14.86 4.91
CA ARG A 162 7.60 15.78 6.03
C ARG A 162 8.12 15.32 7.37
N MET A 163 8.43 14.04 7.54
CA MET A 163 8.86 13.53 8.87
C MET A 163 10.37 13.52 8.95
N ASP A 164 10.90 14.02 10.05
CA ASP A 164 12.35 13.95 10.20
C ASP A 164 12.85 12.50 10.03
N GLY A 165 13.86 12.30 9.15
CA GLY A 165 14.43 10.98 8.96
C GLY A 165 13.77 10.26 7.81
N GLY A 166 12.64 10.75 7.34
CA GLY A 166 11.98 10.14 6.18
C GLY A 166 11.51 8.70 6.34
N LEU A 167 11.33 8.11 5.18
CA LEU A 167 10.83 6.70 5.08
C LEU A 167 11.95 5.68 4.93
N TYR A 168 11.76 4.51 5.53
CA TYR A 168 12.69 3.39 5.32
C TYR A 168 12.24 2.59 4.10
N LYS A 169 11.04 2.00 4.18
CA LYS A 169 10.52 1.15 3.08
C LYS A 169 9.01 1.28 3.09
N THR A 170 8.42 1.00 1.95
CA THR A 170 6.94 0.75 1.94
C THR A 170 6.65 -0.53 1.21
N TYR A 171 5.70 -1.29 1.75
CA TYR A 171 5.22 -2.56 1.13
C TYR A 171 3.71 -2.39 0.91
N LEU A 172 3.30 -2.54 -0.34
CA LEU A 172 1.92 -2.22 -0.74
C LEU A 172 1.36 -3.40 -1.48
N PHE A 173 0.20 -3.90 -1.08
CA PHE A 173 -0.36 -5.14 -1.66
C PHE A 173 -1.65 -4.82 -2.38
N GLY A 174 -1.75 -5.27 -3.64
CA GLY A 174 -3.02 -5.03 -4.36
C GLY A 174 -3.36 -3.54 -4.51
N LEU A 175 -2.32 -2.76 -4.86
CA LEU A 175 -2.32 -1.27 -4.89
C LEU A 175 -3.17 -0.71 -6.04
N PRO A 176 -4.24 0.04 -5.73
CA PRO A 176 -4.91 0.80 -6.77
C PRO A 176 -4.05 1.92 -7.28
N ARG A 177 -4.36 2.46 -8.46
CA ARG A 177 -3.79 3.77 -8.86
C ARG A 177 -4.26 4.86 -7.88
N LEU A 178 -3.41 5.85 -7.71
CA LEU A 178 -3.64 6.90 -6.68
C LEU A 178 -3.55 8.31 -7.28
N GLY A 179 -2.52 8.56 -8.06
CA GLY A 179 -2.25 9.90 -8.60
C GLY A 179 -2.02 9.97 -10.10
N ASN A 180 -1.76 11.21 -10.56
CA ASN A 180 -1.59 11.42 -12.00
C ASN A 180 -0.14 11.19 -12.41
N PRO A 181 0.24 11.40 -13.68
CA PRO A 181 1.64 11.11 -14.05
C PRO A 181 2.64 11.98 -13.30
N THR A 182 2.32 13.26 -12.99
CA THR A 182 3.21 14.09 -12.16
C THR A 182 3.45 13.43 -10.81
N PHE A 183 2.35 12.99 -10.18
CA PHE A 183 2.51 12.25 -8.92
C PHE A 183 3.37 10.99 -9.03
N ALA A 184 3.05 10.15 -10.01
CA ALA A 184 3.77 8.86 -10.16
C ALA A 184 5.29 9.09 -10.34
N SER A 185 5.66 10.07 -11.17
CA SER A 185 7.11 10.32 -11.36
C SER A 185 7.72 10.94 -10.12
N PHE A 186 6.95 11.70 -9.34
CA PHE A 186 7.48 12.22 -8.09
C PHE A 186 7.69 11.12 -7.05
N VAL A 187 6.79 10.12 -7.02
CA VAL A 187 7.04 8.94 -6.17
C VAL A 187 8.37 8.33 -6.53
N ASP A 188 8.61 8.13 -7.84
CA ASP A 188 9.92 7.56 -8.21
C ASP A 188 11.07 8.41 -7.69
N GLN A 189 10.96 9.72 -7.83
CA GLN A 189 12.06 10.62 -7.44
C GLN A 189 12.30 10.53 -5.95
N LYS A 190 11.22 10.46 -5.15
CA LYS A 190 11.40 10.64 -3.70
C LYS A 190 11.55 9.31 -2.95
N ILE A 191 10.87 8.26 -3.39
CA ILE A 191 10.91 6.97 -2.67
C ILE A 191 11.09 5.77 -3.60
N GLY A 192 11.57 5.99 -4.85
CA GLY A 192 11.62 4.87 -5.77
C GLY A 192 12.37 3.66 -5.26
N ASP A 193 13.52 3.82 -4.61
CA ASP A 193 14.24 2.63 -4.13
C ASP A 193 13.72 2.06 -2.82
N LYS A 194 12.67 2.69 -2.28
CA LYS A 194 12.04 2.22 -1.04
C LYS A 194 10.68 1.62 -1.33
N PHE A 195 10.24 1.73 -2.59
CA PHE A 195 8.85 1.39 -2.99
C PHE A 195 8.73 -0.08 -3.37
N HIS A 196 7.73 -0.78 -2.82
CA HIS A 196 7.48 -2.20 -3.19
C HIS A 196 6.00 -2.42 -3.35
N SER A 197 5.58 -2.63 -4.58
CA SER A 197 4.18 -2.95 -4.95
C SER A 197 4.12 -4.38 -5.38
N ILE A 198 3.32 -5.15 -4.65
CA ILE A 198 3.17 -6.57 -4.83
C ILE A 198 1.77 -6.87 -5.37
N ILE A 199 1.67 -7.52 -6.53
CA ILE A 199 0.38 -7.82 -7.15
C ILE A 199 0.29 -9.34 -7.29
N ASN A 200 -0.77 -9.92 -6.82
CA ASN A 200 -0.97 -11.37 -6.85
C ASN A 200 -1.88 -11.77 -7.99
N GLY A 201 -1.35 -12.62 -8.89
CA GLY A 201 -2.20 -13.39 -9.84
C GLY A 201 -3.07 -12.52 -10.74
N ARG A 202 -4.37 -12.80 -10.64
CA ARG A 202 -5.35 -12.17 -11.49
C ARG A 202 -6.09 -10.99 -10.86
N ASP A 203 -5.56 -10.46 -9.75
CA ASP A 203 -6.14 -9.29 -9.08
C ASP A 203 -6.41 -8.14 -10.06
N TRP A 204 -7.67 -7.68 -10.07
CA TRP A 204 -8.06 -6.50 -10.88
C TRP A 204 -7.79 -5.18 -10.20
N VAL A 205 -7.61 -5.16 -8.90
CA VAL A 205 -7.58 -3.83 -8.22
C VAL A 205 -6.45 -2.89 -8.70
N PRO A 206 -5.28 -3.39 -9.07
CA PRO A 206 -4.27 -2.48 -9.64
C PRO A 206 -4.58 -1.87 -10.99
N THR A 207 -5.67 -2.28 -11.62
CA THR A 207 -6.12 -1.64 -12.88
C THR A 207 -7.11 -0.47 -12.68
N VAL A 208 -7.45 -0.14 -11.42
CA VAL A 208 -8.42 0.92 -11.17
CA VAL A 208 -8.46 0.86 -11.13
C VAL A 208 -7.85 1.89 -10.16
N PRO A 209 -8.25 3.17 -10.26
CA PRO A 209 -8.98 3.77 -11.40
C PRO A 209 -8.13 3.66 -12.67
N PRO A 210 -8.78 3.75 -13.81
CA PRO A 210 -8.10 3.50 -15.09
C PRO A 210 -7.21 4.67 -15.55
N ARG A 211 -6.24 4.34 -16.41
CA ARG A 211 -5.35 5.37 -16.99
C ARG A 211 -6.12 6.45 -17.76
N ALA A 212 -7.22 6.08 -18.39
CA ALA A 212 -8.05 7.05 -19.16
C ALA A 212 -8.65 8.13 -18.24
N LEU A 213 -8.64 7.98 -16.91
CA LEU A 213 -9.00 9.05 -15.99
C LEU A 213 -7.79 9.88 -15.50
N GLY A 214 -6.65 9.68 -16.14
CA GLY A 214 -5.46 10.44 -15.83
C GLY A 214 -4.59 9.87 -14.72
N TYR A 215 -4.77 8.57 -14.38
CA TYR A 215 -4.04 7.97 -13.28
C TYR A 215 -2.90 7.12 -13.81
N GLN A 216 -1.80 7.08 -13.05
CA GLN A 216 -0.55 6.40 -13.45
C GLN A 216 0.10 5.81 -12.21
N HIS A 217 0.54 4.56 -12.27
CA HIS A 217 1.35 3.98 -11.19
C HIS A 217 2.78 4.49 -11.20
N PRO A 218 3.44 4.52 -10.04
CA PRO A 218 4.93 4.66 -10.01
C PRO A 218 5.64 3.49 -10.69
N SER A 219 6.96 3.64 -10.79
CA SER A 219 7.71 2.54 -11.41
C SER A 219 7.80 1.29 -10.52
N ASP A 220 7.71 0.16 -11.21
CA ASP A 220 8.06 -1.22 -10.72
C ASP A 220 6.93 -1.85 -9.97
N TYR A 221 6.72 -3.13 -10.23
CA TYR A 221 6.00 -3.99 -9.28
C TYR A 221 6.47 -5.39 -9.40
N VAL A 222 6.27 -6.14 -8.35
CA VAL A 222 6.49 -7.60 -8.40
C VAL A 222 5.14 -8.32 -8.54
N TRP A 223 5.02 -9.11 -9.60
CA TRP A 223 3.80 -9.86 -9.91
C TRP A 223 4.01 -11.31 -9.58
N ILE A 224 3.26 -11.78 -8.60
CA ILE A 224 3.25 -13.19 -8.21
C ILE A 224 2.39 -13.91 -9.23
N TYR A 225 2.99 -14.81 -10.01
CA TYR A 225 2.21 -15.49 -11.07
C TYR A 225 2.79 -16.89 -11.33
N PRO A 226 1.97 -17.93 -11.22
CA PRO A 226 0.54 -17.90 -10.92
C PRO A 226 0.22 -17.31 -9.55
N GLY A 227 -1.01 -16.78 -9.41
CA GLY A 227 -1.50 -16.29 -8.11
C GLY A 227 -1.34 -17.31 -7.02
N ASN A 228 -0.95 -16.87 -5.83
CA ASN A 228 -0.73 -17.72 -4.64
C ASN A 228 0.50 -18.60 -4.69
N SER A 229 1.24 -18.53 -5.79
CA SER A 229 2.45 -19.37 -5.90
C SER A 229 3.67 -18.66 -5.33
N THR A 230 4.81 -19.36 -5.37
CA THR A 230 6.06 -18.74 -4.98
C THR A 230 6.82 -18.18 -6.17
N SER A 231 6.24 -18.19 -7.38
CA SER A 231 6.92 -17.69 -8.56
C SER A 231 6.55 -16.21 -8.75
N ALA A 232 7.53 -15.34 -8.85
CA ALA A 232 7.27 -13.91 -9.03
C ALA A 232 8.36 -13.26 -9.83
N LYS A 233 8.05 -12.18 -10.53
CA LYS A 233 9.02 -11.40 -11.34
C LYS A 233 8.79 -9.93 -11.08
N LEU A 234 9.83 -9.11 -11.26
CA LEU A 234 9.66 -7.66 -11.23
C LEU A 234 9.44 -7.14 -12.63
N TYR A 235 8.40 -6.33 -12.82
CA TYR A 235 8.10 -5.67 -14.09
C TYR A 235 8.53 -4.23 -13.95
N PRO A 236 9.66 -3.83 -14.58
CA PRO A 236 10.28 -2.52 -14.31
C PRO A 236 9.55 -1.33 -14.98
N GLY A 237 9.70 -0.18 -14.35
CA GLY A 237 9.23 1.07 -14.94
C GLY A 237 7.75 1.27 -14.66
N GLN A 238 7.23 2.38 -15.19
CA GLN A 238 5.81 2.67 -14.96
C GLN A 238 4.98 1.92 -15.97
N GLU A 239 3.89 1.28 -15.52
CA GLU A 239 2.85 0.74 -16.43
C GLU A 239 3.49 -0.19 -17.46
N ASN A 240 4.27 -1.16 -17.02
CA ASN A 240 4.96 -2.06 -17.94
C ASN A 240 3.96 -2.80 -18.81
N VAL A 241 4.22 -2.76 -20.11
CA VAL A 241 3.26 -3.34 -21.10
C VAL A 241 3.25 -4.85 -21.07
N HIS A 242 4.26 -5.46 -20.45
CA HIS A 242 4.33 -6.94 -20.40
C HIS A 242 3.64 -7.50 -19.19
N GLY A 243 3.12 -6.62 -18.33
CA GLY A 243 2.63 -7.07 -16.98
C GLY A 243 1.18 -7.54 -16.99
N ILE A 244 0.42 -7.15 -15.94
CA ILE A 244 -0.78 -7.88 -15.55
C ILE A 244 -1.89 -7.95 -16.63
N LEU A 245 -1.96 -6.97 -17.52
CA LEU A 245 -3.05 -7.06 -18.51
C LEU A 245 -2.81 -8.13 -19.51
N THR A 246 -1.60 -8.70 -19.55
CA THR A 246 -1.35 -9.84 -20.47
C THR A 246 -2.04 -11.13 -20.05
N VAL A 247 -2.58 -11.21 -18.82
CA VAL A 247 -3.41 -12.33 -18.39
C VAL A 247 -4.74 -11.77 -17.93
N ALA A 248 -5.85 -12.28 -18.47
CA ALA A 248 -7.13 -11.68 -18.13
C ALA A 248 -7.34 -11.66 -16.64
N ARG A 249 -7.81 -10.53 -16.17
CA ARG A 249 -8.16 -10.36 -14.78
C ARG A 249 -9.33 -11.23 -14.37
N GLU A 250 -9.49 -11.36 -13.07
CA GLU A 250 -10.72 -11.88 -12.48
C GLU A 250 -11.51 -10.71 -11.88
N PHE A 251 -12.81 -10.84 -11.75
CA PHE A 251 -13.57 -9.70 -11.16
C PHE A 251 -14.23 -10.17 -9.89
N ASN A 252 -13.39 -10.71 -9.04
CA ASN A 252 -13.71 -10.99 -7.65
C ASN A 252 -12.38 -10.69 -6.87
N PHE A 253 -12.38 -10.95 -5.56
CA PHE A 253 -11.24 -10.59 -4.70
C PHE A 253 -10.39 -11.80 -4.38
N ASP A 254 -10.52 -12.89 -5.14
CA ASP A 254 -9.82 -14.13 -4.73
C ASP A 254 -8.32 -13.97 -4.64
N ASP A 255 -7.64 -13.61 -5.72
CA ASP A 255 -6.19 -13.42 -5.64
C ASP A 255 -5.85 -12.16 -4.83
N HIS A 256 -6.74 -11.15 -4.94
CA HIS A 256 -6.49 -9.95 -4.15
C HIS A 256 -6.34 -10.25 -2.65
N GLN A 257 -7.09 -11.26 -2.19
CA GLN A 257 -7.09 -11.69 -0.80
C GLN A 257 -6.42 -13.04 -0.67
N GLY A 258 -5.34 -13.16 -1.45
CA GLY A 258 -4.65 -14.45 -1.61
C GLY A 258 -3.44 -14.60 -0.71
N ILE A 259 -2.52 -15.43 -1.18
CA ILE A 259 -1.31 -15.80 -0.43
C ILE A 259 -0.13 -15.07 -1.04
N TYR A 260 0.56 -14.28 -0.20
CA TYR A 260 1.72 -13.46 -0.60
C TYR A 260 2.93 -13.99 0.12
N PHE A 261 3.78 -14.76 -0.57
CA PHE A 261 5.02 -15.29 0.02
C PHE A 261 4.72 -15.95 1.38
N HIS A 262 3.73 -16.87 1.34
CA HIS A 262 3.37 -17.73 2.45
C HIS A 262 2.51 -17.12 3.51
N THR A 263 2.08 -15.89 3.33
CA THR A 263 1.15 -15.26 4.28
C THR A 263 -0.15 -14.88 3.57
N GLN A 264 -1.25 -15.33 4.11
CA GLN A 264 -2.57 -14.96 3.56
C GLN A 264 -2.97 -13.56 4.04
N ILE A 265 -3.42 -12.74 3.09
CA ILE A 265 -4.13 -11.47 3.41
C ILE A 265 -5.58 -11.66 3.01
N GLY A 266 -6.27 -12.45 3.82
CA GLY A 266 -7.67 -12.81 3.60
C GLY A 266 -8.64 -11.70 3.87
N ALA A 267 -8.17 -10.62 4.52
CA ALA A 267 -9.00 -9.48 4.89
C ALA A 267 -10.06 -9.89 5.95
N VAL A 268 -11.29 -9.33 5.91
CA VAL A 268 -12.22 -9.54 7.02
C VAL A 268 -12.51 -11.04 7.23
N MET A 269 -12.59 -11.77 6.11
CA MET A 269 -12.76 -13.26 5.91
C MET A 269 -11.60 -14.08 6.42
N GLY A 270 -10.43 -13.47 6.56
CA GLY A 270 -9.14 -14.14 6.75
C GLY A 270 -8.82 -14.57 8.16
N GLU A 271 -7.54 -14.59 8.46
CA GLU A 271 -7.01 -15.11 9.70
C GLU A 271 -6.84 -13.96 10.72
N CYS A 272 -7.36 -14.20 11.93
CA CYS A 272 -7.28 -13.24 13.06
C CYS A 272 -6.98 -14.08 14.30
N PRO A 273 -5.76 -13.94 14.85
CA PRO A 273 -4.69 -13.03 14.43
C PRO A 273 -4.08 -13.44 13.11
N ALA A 274 -3.40 -12.49 12.47
CA ALA A 274 -2.64 -12.86 11.22
C ALA A 274 -1.59 -13.93 11.51
N GLN A 275 -1.28 -14.71 10.49
CA GLN A 275 -0.30 -15.80 10.63
C GLN A 275 0.81 -15.70 9.62
N VAL A 276 1.91 -15.05 9.98
CA VAL A 276 3.05 -14.92 9.03
C VAL A 276 3.58 -16.30 8.69
N GLY A 277 3.66 -16.55 7.40
CA GLY A 277 4.39 -17.73 6.92
C GLY A 277 3.59 -19.03 6.97
N ALA A 278 2.33 -18.98 7.35
CA ALA A 278 1.53 -20.19 7.57
C ALA A 278 1.07 -20.98 6.34
N HIS A 279 1.26 -20.43 5.15
CA HIS A 279 0.84 -21.12 3.93
C HIS A 279 2.05 -21.21 3.02
C1 NAG B . -5.59 -17.78 -3.63
C2 NAG B . -6.69 -18.46 -4.47
C3 NAG B . -8.04 -17.83 -4.17
C4 NAG B . -8.33 -17.86 -2.70
C5 NAG B . -7.17 -17.22 -1.92
C6 NAG B . -7.37 -17.34 -0.42
C7 NAG B . -6.33 -19.45 -6.71
C8 NAG B . -5.92 -19.16 -8.14
N2 NAG B . -6.36 -18.37 -5.88
O3 NAG B . -9.06 -18.59 -4.86
O4 NAG B . -9.49 -17.05 -2.39
O5 NAG B . -5.94 -17.86 -2.25
O6 NAG B . -6.36 -16.64 0.32
O7 NAG B . -6.70 -20.58 -6.37
C1 NAG B . -10.70 -17.74 -2.11
C2 NAG B . -11.68 -16.80 -1.38
C3 NAG B . -13.01 -17.55 -1.15
C4 NAG B . -13.52 -18.14 -2.47
C5 NAG B . -12.40 -18.99 -3.13
C6 NAG B . -12.84 -19.48 -4.51
C7 NAG B . -10.76 -15.06 0.12
C8 NAG B . -10.11 -14.83 1.44
N2 NAG B . -11.08 -16.33 -0.14
O3 NAG B . -13.94 -16.58 -0.74
O4 NAG B . -14.69 -18.95 -2.37
O5 NAG B . -11.22 -18.18 -3.34
O6 NAG B . -11.77 -20.24 -5.11
O7 NAG B . -11.05 -14.17 -0.66
C1 BMA B . -15.09 -19.38 -1.13
C2 BMA B . -16.44 -20.13 -1.30
C3 BMA B . -16.88 -20.59 0.07
C4 BMA B . -15.74 -21.32 0.81
C5 BMA B . -14.41 -20.53 0.80
C6 BMA B . -13.13 -21.17 1.35
O2 BMA B . -16.21 -21.24 -2.19
O3 BMA B . -18.03 -21.45 -0.06
O4 BMA B . -16.16 -21.51 2.17
O5 BMA B . -14.08 -20.23 -0.57
O6 BMA B . -13.24 -22.54 0.89
C1 MAN B . -12.04 -23.27 1.17
C2 MAN B . -12.17 -24.60 0.41
C3 MAN B . -13.14 -25.55 1.14
C4 MAN B . -12.86 -25.64 2.65
C5 MAN B . -12.84 -24.22 3.22
C6 MAN B . -12.63 -24.23 4.73
O2 MAN B . -10.90 -25.18 0.37
O3 MAN B . -13.01 -26.86 0.57
O4 MAN B . -13.84 -26.44 3.29
O5 MAN B . -11.81 -23.47 2.57
O6 MAN B . -11.40 -24.88 5.02
C1 MAN B . -14.25 -27.30 0.01
C2 MAN B . -14.12 -28.80 -0.20
C3 MAN B . -13.00 -28.97 -1.26
C4 MAN B . -13.37 -28.22 -2.57
C5 MAN B . -13.51 -26.74 -2.24
C6 MAN B . -13.83 -25.92 -3.49
O2 MAN B . -15.38 -29.33 -0.58
O3 MAN B . -12.67 -30.30 -1.45
O4 MAN B . -12.31 -28.34 -3.52
O5 MAN B . -14.50 -26.61 -1.23
O6 MAN B . -14.00 -24.56 -3.14
C1 MAN C . 10.96 -1.91 -25.03
C2 MAN C . 12.40 -1.55 -24.64
C3 MAN C . 12.72 -0.12 -25.10
C4 MAN C . 12.39 0.01 -26.58
C5 MAN C . 10.93 -0.36 -26.84
C6 MAN C . 10.51 -0.25 -28.33
O2 MAN C . 13.31 -2.47 -25.26
O3 MAN C . 14.09 0.11 -24.80
O4 MAN C . 12.56 1.36 -26.99
O5 MAN C . 10.74 -1.68 -26.42
O6 MAN C . 9.24 -0.88 -28.46
CL CL D . -14.05 2.85 12.57
C1 GOL E . 2.37 -14.49 -17.29
O1 GOL E . 2.24 -14.70 -18.73
C2 GOL E . 3.72 -13.84 -17.02
O2 GOL E . 4.84 -14.64 -17.47
C3 GOL E . 3.77 -13.76 -15.50
O3 GOL E . 4.90 -13.03 -15.16
C1 GOL F . 8.31 4.32 -18.09
O1 GOL F . 8.85 3.89 -16.83
C2 GOL F . 8.77 5.77 -18.30
O2 GOL F . 8.33 6.25 -19.59
C3 GOL F . 8.19 6.66 -17.19
O3 GOL F . 8.95 7.89 -17.13
C1 GOL G . 15.52 -7.43 -20.53
O1 GOL G . 15.92 -7.40 -21.86
C2 GOL G . 16.61 -7.12 -19.53
O2 GOL G . 16.00 -7.01 -18.25
C3 GOL G . 17.56 -8.28 -19.37
O3 GOL G . 16.86 -9.37 -18.72
C1 GOL H . -12.29 14.04 -12.48
O1 GOL H . -10.90 14.15 -12.08
C2 GOL H . -12.89 15.37 -12.88
O2 GOL H . -12.68 16.28 -11.81
C3 GOL H . -14.40 15.17 -13.07
O3 GOL H . -15.09 16.03 -12.15
#